data_3L2V
#
_entry.id   3L2V
#
_cell.length_a   158.650
_cell.length_b   158.650
_cell.length_c   125.230
_cell.angle_alpha   90.000
_cell.angle_beta   90.000
_cell.angle_gamma   90.000
#
_symmetry.space_group_name_H-M   'P 41 21 2'
#
loop_
_entity.id
_entity.type
_entity.pdbx_description
1 polymer Integrase
2 polymer "5'-D(*AP*TP*TP*GP*TP*CP*AP*TP*GP*GP*AP*AP*TP*TP*TP*TP*GP*TP*A)-3'"
3 polymer "5'-D(*TP*AP*CP*AP*AP*AP*AP*TP*TP*CP*CP*AP*TP*GP*AP*CP*A)-3'"
4 non-polymer 'ZINC ION'
5 non-polymer 'MANGANESE (II) ION'
6 non-polymer 'AMMONIUM ION'
7 non-polymer 'N-(4-fluorobenzyl)-5-hydroxy-1-methyl-2-(1-methyl-1-{[(5-methyl-1,3,4-oxadiazol-2-yl)carbonyl]amino}ethyl)-6-oxo-1,6-di hydropyrimidine-4-carboxamide'
8 non-polymer GLYCEROL
#
loop_
_entity_poly.entity_id
_entity_poly.type
_entity_poly.pdbx_seq_one_letter_code
_entity_poly.pdbx_strand_id
1 'polypeptide(L)'
;GPGCNTKKPNLDAELDQLLQGHYIKGYPKQYTYFLEDGKVKVSRPEGVKIIPPQSDRQKIVLQAHNLAHTGREATLLKIA
NLYWWPNMRKDVVKQLGRCQQCLITNASNKASGPILRPDRPQKPFDKFFIDYIGPLPPSQGYLYVLVVVDGMTGFTWLYP
TKAPSTSATVKSLNVLTSIAIPKVIHSDQGAAFTSSTFAEWAKERGIHLEFSTPYHPQSSGKVERKNSDIKRLLTKLLVG
RPTKWYDLLPVVQLALNNTYSPVLKYTPHQLLFGIDSNTPFANQDTLDLTREEELSLLQEIRTSLYHPSTPPASSRSWSP
VVGQLVQERVARPASLRPRWHKPSTVLKVLNPRTVVILDHLGNNRTVSIDNLKPTSHQNGTTNDTATMDHLEKNE
;
A,B
2 'polydeoxyribonucleotide' (DA)(DT)(DT)(DG)(DT)(DC)(DA)(DT)(DG)(DG)(DA)(DA)(DT)(DT)(DT)(DT)(DG)(DT)(DA) C
3 'polydeoxyribonucleotide' (DT)(DA)(DC)(DA)(DA)(DA)(DA)(DT)(DT)(DC)(DC)(DA)(DT)(DG)(DA)(DC)(DA) D
#
# COMPACT_ATOMS: atom_id res chain seq x y z
N ALA A 13 46.47 15.11 46.16
CA ALA A 13 45.60 16.01 45.34
C ALA A 13 44.66 16.84 46.23
N GLU A 14 43.38 16.91 45.85
CA GLU A 14 42.35 17.61 46.63
C GLU A 14 41.85 16.77 47.82
N LEU A 15 42.16 15.48 47.81
CA LEU A 15 41.83 14.56 48.89
C LEU A 15 42.67 14.84 50.13
N ASP A 16 43.79 15.52 49.94
CA ASP A 16 44.67 15.92 51.03
C ASP A 16 43.86 16.55 52.18
N GLN A 17 43.13 17.62 51.86
CA GLN A 17 42.35 18.39 52.86
C GLN A 17 41.48 17.51 53.76
N LEU A 18 40.88 16.49 53.13
CA LEU A 18 39.84 15.67 53.75
C LEU A 18 40.35 14.83 54.92
N LEU A 19 41.53 14.23 54.74
CA LEU A 19 42.18 13.45 55.79
C LEU A 19 42.46 14.31 57.02
N GLN A 20 42.50 15.62 56.82
CA GLN A 20 42.84 16.59 57.85
C GLN A 20 41.59 17.17 58.52
N GLY A 21 40.42 16.62 58.18
CA GLY A 21 39.16 16.96 58.85
C GLY A 21 38.36 18.11 58.25
N HIS A 22 38.86 18.67 57.15
CA HIS A 22 38.18 19.80 56.49
C HIS A 22 37.17 19.30 55.43
N TYR A 23 36.06 20.02 55.31
CA TYR A 23 34.91 19.60 54.48
C TYR A 23 35.10 19.86 52.97
N ILE A 24 34.47 19.03 52.14
CA ILE A 24 34.44 19.20 50.67
C ILE A 24 33.01 18.92 50.13
N LYS A 25 32.61 19.64 49.07
CA LYS A 25 31.31 19.41 48.41
C LYS A 25 31.16 17.94 48.06
N GLY A 26 30.06 17.33 48.50
CA GLY A 26 29.93 15.88 48.56
C GLY A 26 30.63 15.42 49.83
N TYR A 27 31.41 14.34 49.74
CA TYR A 27 32.23 13.85 50.87
C TYR A 27 31.65 14.12 52.26
N PRO A 28 30.52 13.49 52.61
CA PRO A 28 29.82 13.86 53.85
C PRO A 28 30.59 13.49 55.11
N LYS A 29 30.74 14.46 56.02
CA LYS A 29 31.37 14.23 57.32
C LYS A 29 30.50 13.31 58.18
N GLN A 30 31.08 12.77 59.25
CA GLN A 30 30.48 11.75 60.13
C GLN A 30 31.11 10.37 59.91
N TYR A 31 31.62 10.14 58.69
CA TYR A 31 32.44 8.98 58.42
C TYR A 31 33.88 9.38 58.64
N THR A 32 34.67 8.48 59.24
CA THR A 32 36.09 8.75 59.40
C THR A 32 36.84 8.33 58.13
N TYR A 33 37.61 9.27 57.59
CA TYR A 33 38.38 9.08 56.37
C TYR A 33 39.85 8.85 56.72
N PHE A 34 40.35 7.65 56.52
CA PHE A 34 41.72 7.35 56.92
C PHE A 34 42.63 6.95 55.76
N LEU A 35 43.89 6.64 56.08
CA LEU A 35 44.89 6.27 55.08
C LEU A 35 45.46 4.87 55.36
N GLU A 36 45.54 4.06 54.31
CA GLU A 36 46.11 2.71 54.39
C GLU A 36 46.73 2.33 53.05
N ASP A 37 48.01 1.98 53.09
CA ASP A 37 48.77 1.56 51.91
C ASP A 37 48.86 2.68 50.85
N GLY A 38 48.93 3.92 51.32
CA GLY A 38 48.98 5.10 50.45
C GLY A 38 47.72 5.30 49.61
N LYS A 39 46.60 4.77 50.10
CA LYS A 39 45.29 4.96 49.47
C LYS A 39 44.37 5.63 50.49
N VAL A 40 43.41 6.42 50.01
CA VAL A 40 42.49 7.10 50.90
C VAL A 40 41.25 6.25 51.12
N LYS A 41 41.15 5.63 52.28
CA LYS A 41 40.04 4.72 52.57
C LYS A 41 38.93 5.40 53.38
N VAL A 42 37.74 4.81 53.37
CA VAL A 42 36.61 5.33 54.13
C VAL A 42 35.70 4.23 54.72
N SER A 43 35.37 4.39 56.00
CA SER A 43 34.43 3.50 56.69
C SER A 43 32.98 3.90 56.38
N ARG A 44 32.22 2.98 55.78
CA ARG A 44 30.82 3.24 55.41
C ARG A 44 29.87 2.13 55.86
N PRO A 45 28.57 2.45 56.02
CA PRO A 45 27.59 1.41 56.30
C PRO A 45 27.86 0.14 55.49
N GLU A 46 27.93 0.27 54.16
CA GLU A 46 28.20 -0.88 53.28
C GLU A 46 29.53 -1.62 53.63
N GLY A 47 30.47 -0.90 54.24
CA GLY A 47 31.81 -1.43 54.55
C GLY A 47 32.89 -0.38 54.31
N VAL A 48 34.15 -0.81 54.32
CA VAL A 48 35.27 0.11 54.13
C VAL A 48 35.78 0.11 52.68
N LYS A 49 35.58 1.24 51.99
CA LYS A 49 35.90 1.34 50.57
C LYS A 49 37.06 2.32 50.31
N ILE A 50 37.67 2.17 49.15
CA ILE A 50 38.76 3.04 48.69
C ILE A 50 38.19 4.23 47.92
N ILE A 51 38.77 5.41 48.08
CA ILE A 51 38.36 6.57 47.31
C ILE A 51 39.46 6.99 46.36
N PRO A 52 39.28 6.75 45.07
CA PRO A 52 40.26 7.12 44.06
C PRO A 52 40.33 8.62 43.88
N PRO A 53 41.54 9.13 43.58
CA PRO A 53 41.71 10.52 43.18
C PRO A 53 40.95 10.81 41.89
N GLN A 54 40.29 11.96 41.84
CA GLN A 54 39.54 12.38 40.67
C GLN A 54 40.09 11.85 39.33
N SER A 55 41.39 12.00 39.11
CA SER A 55 42.01 11.69 37.81
C SER A 55 42.01 10.20 37.45
N ASP A 56 41.84 9.34 38.45
CA ASP A 56 41.80 7.89 38.23
C ASP A 56 40.39 7.36 37.92
N ARG A 57 39.38 8.14 38.26
CA ARG A 57 38.01 7.62 38.31
C ARG A 57 37.38 7.27 36.98
N GLN A 58 37.66 8.04 35.94
CA GLN A 58 37.17 7.65 34.62
C GLN A 58 37.77 6.30 34.23
N LYS A 59 39.09 6.19 34.37
CA LYS A 59 39.85 4.96 34.10
C LYS A 59 39.29 3.76 34.85
N ILE A 60 38.78 4.00 36.06
CA ILE A 60 38.17 2.94 36.89
C ILE A 60 36.85 2.46 36.30
N VAL A 61 35.91 3.40 36.14
CA VAL A 61 34.58 3.15 35.57
C VAL A 61 34.64 2.39 34.22
N LEU A 62 35.58 2.81 33.38
CA LEU A 62 35.78 2.20 32.09
C LEU A 62 36.22 0.76 32.22
N GLN A 63 37.17 0.49 33.13
CA GLN A 63 37.67 -0.85 33.34
C GLN A 63 36.55 -1.78 33.76
N ALA A 64 35.78 -1.34 34.75
CA ALA A 64 34.62 -2.08 35.22
C ALA A 64 33.66 -2.33 34.07
N HIS A 65 33.21 -1.26 33.43
CA HIS A 65 32.27 -1.39 32.32
C HIS A 65 32.76 -2.39 31.26
N ASN A 66 34.00 -2.23 30.82
CA ASN A 66 34.53 -3.03 29.72
C ASN A 66 34.62 -4.53 29.99
N LEU A 67 34.27 -4.97 31.21
CA LEU A 67 34.29 -6.39 31.52
C LEU A 67 33.23 -7.12 30.72
N ALA A 68 32.00 -6.63 30.77
CA ALA A 68 30.90 -7.20 29.98
C ALA A 68 30.03 -6.13 29.29
N HIS A 69 30.52 -4.90 29.27
CA HIS A 69 29.83 -3.79 28.60
C HIS A 69 28.44 -3.68 29.20
N THR A 70 28.44 -3.61 30.53
CA THR A 70 27.22 -3.62 31.30
C THR A 70 26.61 -2.22 31.46
N GLY A 71 25.31 -2.20 31.73
CA GLY A 71 24.58 -0.94 31.90
C GLY A 71 24.88 -0.26 33.23
N ARG A 72 24.04 0.71 33.57
CA ARG A 72 24.21 1.51 34.79
C ARG A 72 24.37 0.62 36.04
N GLU A 73 23.31 -0.09 36.39
CA GLU A 73 23.32 -0.82 37.64
C GLU A 73 24.38 -1.93 37.70
N ALA A 74 24.43 -2.76 36.65
CA ALA A 74 25.46 -3.79 36.57
C ALA A 74 26.90 -3.23 36.73
N THR A 75 27.23 -2.13 36.06
CA THR A 75 28.55 -1.54 36.20
C THR A 75 28.82 -1.04 37.62
N LEU A 76 27.89 -0.24 38.14
CA LEU A 76 28.05 0.35 39.47
C LEU A 76 28.31 -0.71 40.54
N LEU A 77 27.59 -1.83 40.41
CA LEU A 77 27.67 -2.92 41.36
C LEU A 77 29.03 -3.57 41.47
N LYS A 78 29.78 -3.57 40.38
CA LYS A 78 31.16 -4.02 40.41
C LYS A 78 31.98 -3.00 41.18
N ILE A 79 31.90 -1.75 40.75
CA ILE A 79 32.70 -0.69 41.35
C ILE A 79 32.43 -0.60 42.85
N ALA A 80 31.15 -0.71 43.24
CA ALA A 80 30.76 -0.65 44.65
C ALA A 80 31.61 -1.55 45.52
N ASN A 81 31.96 -2.73 44.99
CA ASN A 81 32.77 -3.70 45.73
C ASN A 81 34.03 -3.10 46.31
N LEU A 82 34.81 -2.42 45.47
CA LEU A 82 36.11 -1.88 45.84
C LEU A 82 36.09 -0.42 46.25
N TYR A 83 35.36 0.41 45.51
CA TYR A 83 35.45 1.86 45.67
C TYR A 83 34.20 2.57 46.13
N TRP A 84 34.41 3.82 46.53
CA TRP A 84 33.34 4.79 46.75
C TRP A 84 33.83 6.20 46.41
N TRP A 85 32.96 6.99 45.77
CA TRP A 85 33.13 8.44 45.70
C TRP A 85 31.77 9.13 45.57
N PRO A 86 31.72 10.48 45.58
CA PRO A 86 30.39 11.08 45.50
C PRO A 86 29.84 11.05 44.09
N ASN A 87 28.54 10.75 43.97
CA ASN A 87 27.84 10.74 42.67
C ASN A 87 28.36 9.70 41.68
N MET A 88 28.71 8.53 42.20
CA MET A 88 29.21 7.42 41.40
C MET A 88 28.48 7.23 40.07
N ARG A 89 27.17 7.11 40.13
CA ARG A 89 26.41 6.84 38.92
C ARG A 89 26.60 7.92 37.87
N LYS A 90 26.46 9.20 38.25
CA LYS A 90 26.67 10.31 37.31
C LYS A 90 27.86 10.03 36.38
N ASP A 91 28.98 9.62 36.97
CA ASP A 91 30.17 9.20 36.23
C ASP A 91 29.96 7.99 35.35
N VAL A 92 29.33 6.94 35.90
CA VAL A 92 29.06 5.73 35.13
C VAL A 92 28.25 6.06 33.89
N VAL A 93 27.18 6.82 34.07
CA VAL A 93 26.29 7.20 32.98
C VAL A 93 27.04 8.01 31.93
N LYS A 94 28.00 8.83 32.37
CA LYS A 94 28.84 9.61 31.46
C LYS A 94 29.58 8.68 30.50
N GLN A 95 29.97 7.51 31.00
CA GLN A 95 30.66 6.52 30.20
C GLN A 95 29.72 5.78 29.26
N LEU A 96 28.58 5.34 29.78
CA LEU A 96 27.64 4.60 28.96
C LEU A 96 27.24 5.37 27.70
N GLY A 97 27.36 6.69 27.77
CA GLY A 97 27.04 7.57 26.66
C GLY A 97 28.12 7.58 25.60
N ARG A 98 29.34 7.26 26.02
CA ARG A 98 30.52 7.32 25.14
C ARG A 98 30.99 5.97 24.64
N CYS A 99 30.38 4.89 25.12
CA CYS A 99 30.77 3.56 24.64
C CYS A 99 30.16 3.32 23.26
N GLN A 100 30.92 3.59 22.22
CA GLN A 100 30.42 3.45 20.85
C GLN A 100 29.78 2.08 20.67
N GLN A 101 30.38 1.07 21.30
CA GLN A 101 29.93 -0.32 21.19
C GLN A 101 28.54 -0.59 21.74
N CYS A 102 28.33 -0.25 23.02
CA CYS A 102 27.02 -0.42 23.64
C CYS A 102 25.89 0.31 22.91
N LEU A 103 26.19 1.48 22.35
CA LEU A 103 25.16 2.29 21.71
C LEU A 103 24.62 1.67 20.44
N ILE A 104 25.46 0.99 19.68
CA ILE A 104 25.04 0.47 18.40
C ILE A 104 24.59 -0.99 18.47
N THR A 105 24.73 -1.61 19.64
CA THR A 105 24.41 -3.04 19.78
C THR A 105 23.22 -3.33 20.67
N ASN A 106 23.12 -2.62 21.80
CA ASN A 106 21.99 -2.75 22.75
C ASN A 106 20.66 -2.43 22.09
N ALA A 107 19.57 -3.07 22.52
CA ALA A 107 18.26 -2.74 21.96
C ALA A 107 17.62 -1.66 22.81
N SER A 108 16.51 -1.12 22.32
CA SER A 108 15.79 -0.05 23.01
C SER A 108 14.89 -0.60 24.10
N ASN A 109 14.65 0.20 25.12
CA ASN A 109 13.63 -0.16 26.10
C ASN A 109 12.47 0.85 26.07
N LYS A 110 12.33 1.56 24.95
CA LYS A 110 11.30 2.58 24.72
C LYS A 110 10.47 2.28 23.48
N ALA A 111 9.17 2.11 23.63
CA ALA A 111 8.31 1.81 22.49
C ALA A 111 8.09 3.08 21.73
N SER A 112 7.85 2.96 20.42
CA SER A 112 7.54 4.13 19.60
C SER A 112 6.12 4.63 19.91
N GLY A 113 5.80 5.84 19.47
CA GLY A 113 4.53 6.46 19.83
C GLY A 113 3.36 5.72 19.22
N PRO A 114 2.13 6.12 19.59
CA PRO A 114 0.90 5.53 19.02
C PRO A 114 0.91 5.72 17.52
N ILE A 115 0.44 4.71 16.78
CA ILE A 115 0.33 4.83 15.32
C ILE A 115 -0.64 5.94 14.89
N LEU A 116 -0.62 6.30 13.61
CA LEU A 116 -1.52 7.30 13.05
C LEU A 116 -2.53 6.61 12.17
N ARG A 117 -3.75 7.15 12.10
CA ARG A 117 -4.73 6.56 11.21
C ARG A 117 -5.13 7.54 10.12
N PRO A 118 -4.31 7.67 9.05
CA PRO A 118 -4.55 8.66 8.00
C PRO A 118 -5.98 8.55 7.50
N ASP A 119 -6.51 9.62 6.91
CA ASP A 119 -7.93 9.66 6.54
C ASP A 119 -8.17 8.90 5.25
N ARG A 120 -9.39 8.38 5.07
CA ARG A 120 -9.75 7.72 3.81
C ARG A 120 -9.62 8.70 2.71
N PRO A 121 -9.02 8.28 1.59
CA PRO A 121 -9.11 9.08 0.40
C PRO A 121 -10.58 9.47 0.17
N GLN A 122 -10.81 10.60 -0.48
CA GLN A 122 -12.14 11.15 -0.54
C GLN A 122 -12.96 10.55 -1.65
N LYS A 123 -12.29 10.38 -2.79
CA LYS A 123 -12.92 9.86 -3.99
C LYS A 123 -12.21 8.58 -4.43
N PRO A 124 -12.93 7.66 -5.09
CA PRO A 124 -12.25 6.55 -5.72
C PRO A 124 -11.28 7.09 -6.73
N PHE A 125 -10.15 6.40 -6.91
CA PHE A 125 -9.07 6.85 -7.82
C PHE A 125 -8.30 8.08 -7.31
N ASP A 126 -8.59 8.53 -6.08
CA ASP A 126 -7.75 9.56 -5.46
C ASP A 126 -6.37 8.98 -5.19
N LYS A 127 -6.34 7.72 -4.78
CA LYS A 127 -5.10 7.07 -4.41
C LYS A 127 -5.19 5.57 -4.55
N PHE A 128 -4.24 5.01 -5.30
CA PHE A 128 -4.04 3.58 -5.41
C PHE A 128 -2.89 3.18 -4.52
N PHE A 129 -3.03 2.01 -3.90
CA PHE A 129 -1.94 1.36 -3.18
C PHE A 129 -1.56 0.08 -3.93
N ILE A 130 -0.28 -0.12 -4.19
CA ILE A 130 0.15 -1.32 -4.89
C ILE A 130 1.20 -2.13 -4.12
N ASP A 131 1.29 -3.42 -4.44
CA ASP A 131 2.31 -4.30 -3.85
C ASP A 131 2.39 -5.60 -4.65
N TYR A 132 3.52 -6.28 -4.55
CA TYR A 132 3.63 -7.59 -5.14
C TYR A 132 3.58 -8.65 -4.08
N ILE A 133 2.85 -9.71 -4.39
CA ILE A 133 2.84 -10.93 -3.61
C ILE A 133 3.75 -11.93 -4.33
N GLY A 134 4.45 -12.77 -3.57
CA GLY A 134 5.27 -13.83 -4.14
C GLY A 134 6.70 -13.90 -3.66
N PRO A 135 7.48 -14.89 -4.15
CA PRO A 135 7.09 -15.89 -5.16
C PRO A 135 6.12 -16.93 -4.63
N LEU A 136 5.26 -17.44 -5.51
CA LEU A 136 4.33 -18.52 -5.18
C LEU A 136 4.72 -19.86 -5.85
N PRO A 137 3.93 -20.93 -5.64
CA PRO A 137 4.10 -22.07 -6.52
C PRO A 137 3.81 -21.67 -7.97
N PRO A 138 4.58 -22.20 -8.93
CA PRO A 138 4.31 -21.87 -10.31
C PRO A 138 2.97 -22.40 -10.79
N SER A 139 2.11 -21.50 -11.22
CA SER A 139 0.98 -21.85 -12.06
C SER A 139 1.13 -21.21 -13.44
N GLN A 140 0.95 -22.00 -14.49
CA GLN A 140 0.98 -21.55 -15.90
C GLN A 140 2.23 -20.71 -16.24
N GLY A 141 3.27 -20.85 -15.43
CA GLY A 141 4.51 -20.14 -15.66
C GLY A 141 4.59 -18.80 -14.96
N TYR A 142 3.57 -18.48 -14.17
CA TYR A 142 3.52 -17.22 -13.42
C TYR A 142 3.92 -17.43 -11.96
N LEU A 143 4.52 -16.42 -11.35
CA LEU A 143 5.03 -16.58 -9.99
C LEU A 143 4.55 -15.54 -9.00
N TYR A 144 4.27 -14.33 -9.48
CA TYR A 144 3.85 -13.26 -8.57
C TYR A 144 2.48 -12.69 -8.92
N VAL A 145 1.84 -12.07 -7.94
CA VAL A 145 0.59 -11.37 -8.18
C VAL A 145 0.80 -9.88 -7.88
N LEU A 146 0.38 -9.02 -8.80
CA LEU A 146 0.35 -7.60 -8.53
C LEU A 146 -1.03 -7.25 -8.01
N VAL A 147 -1.06 -6.70 -6.80
CA VAL A 147 -2.30 -6.34 -6.15
C VAL A 147 -2.37 -4.85 -6.12
N VAL A 148 -3.48 -4.33 -6.66
CA VAL A 148 -3.77 -2.90 -6.66
C VAL A 148 -5.04 -2.66 -5.85
N VAL A 149 -4.99 -1.82 -4.83
CA VAL A 149 -6.21 -1.52 -4.05
C VAL A 149 -6.59 -0.06 -4.11
N ASP A 150 -7.87 0.22 -4.38
CA ASP A 150 -8.29 1.60 -4.30
C ASP A 150 -8.44 1.99 -2.85
N GLY A 151 -7.68 3.00 -2.45
CA GLY A 151 -7.69 3.52 -1.08
C GLY A 151 -9.07 3.88 -0.57
N MET A 152 -9.90 4.50 -1.40
CA MET A 152 -11.20 4.92 -0.93
C MET A 152 -12.13 3.72 -0.69
N THR A 153 -12.42 2.99 -1.76
CA THR A 153 -13.43 1.93 -1.76
C THR A 153 -12.91 0.60 -1.22
N GLY A 154 -11.60 0.40 -1.31
CA GLY A 154 -11.01 -0.90 -1.02
C GLY A 154 -11.13 -1.83 -2.22
N PHE A 155 -11.64 -1.35 -3.36
CA PHE A 155 -11.78 -2.19 -4.56
C PHE A 155 -10.42 -2.65 -5.05
N THR A 156 -10.34 -3.90 -5.50
CA THR A 156 -9.04 -4.50 -5.77
C THR A 156 -8.90 -5.15 -7.14
N TRP A 157 -7.76 -4.90 -7.78
CA TRP A 157 -7.41 -5.53 -9.03
C TRP A 157 -6.21 -6.43 -8.86
N LEU A 158 -6.27 -7.61 -9.47
CA LEU A 158 -5.21 -8.62 -9.40
C LEU A 158 -4.65 -8.92 -10.75
N TYR A 159 -3.34 -9.11 -10.81
CA TYR A 159 -2.65 -9.35 -12.06
C TYR A 159 -1.51 -10.34 -11.85
N PRO A 160 -1.56 -11.50 -12.54
CA PRO A 160 -0.48 -12.49 -12.45
C PRO A 160 0.74 -11.98 -13.19
N THR A 161 1.93 -12.10 -12.59
CA THR A 161 3.19 -11.75 -13.28
C THR A 161 4.27 -12.83 -13.11
N LYS A 162 5.23 -12.83 -14.01
CA LYS A 162 6.29 -13.82 -13.96
C LYS A 162 7.45 -13.35 -13.07
N ALA A 163 7.52 -12.04 -12.84
CA ALA A 163 8.55 -11.44 -11.99
C ALA A 163 8.06 -10.12 -11.42
N PRO A 164 8.54 -9.72 -10.22
CA PRO A 164 8.05 -8.46 -9.66
C PRO A 164 8.79 -7.28 -10.28
N SER A 165 8.57 -7.07 -11.57
CA SER A 165 9.41 -6.18 -12.39
C SER A 165 8.71 -4.92 -12.85
N THR A 166 9.50 -3.87 -13.11
CA THR A 166 8.98 -2.63 -13.62
C THR A 166 8.18 -2.90 -14.89
N SER A 167 8.79 -3.65 -15.80
CA SER A 167 8.20 -3.88 -17.12
C SER A 167 6.81 -4.49 -17.01
N ALA A 168 6.68 -5.56 -16.22
CA ALA A 168 5.39 -6.21 -16.00
C ALA A 168 4.38 -5.36 -15.24
N THR A 169 4.87 -4.51 -14.33
CA THR A 169 4.01 -3.62 -13.55
C THR A 169 3.34 -2.63 -14.49
N VAL A 170 4.11 -2.12 -15.43
CA VAL A 170 3.63 -1.19 -16.44
C VAL A 170 2.55 -1.83 -17.32
N LYS A 171 2.84 -3.05 -17.82
CA LYS A 171 1.91 -3.82 -18.65
C LYS A 171 0.57 -3.93 -17.95
N SER A 172 0.60 -4.42 -16.71
CA SER A 172 -0.60 -4.56 -15.89
C SER A 172 -1.35 -3.26 -15.72
N LEU A 173 -0.65 -2.23 -15.27
CA LEU A 173 -1.30 -0.95 -14.97
C LEU A 173 -1.89 -0.24 -16.19
N ASN A 174 -1.27 -0.40 -17.36
CA ASN A 174 -1.86 0.10 -18.60
C ASN A 174 -3.27 -0.43 -18.83
N VAL A 175 -3.47 -1.72 -18.55
CA VAL A 175 -4.81 -2.30 -18.61
C VAL A 175 -5.72 -1.62 -17.59
N LEU A 176 -5.26 -1.52 -16.34
CA LEU A 176 -6.09 -0.98 -15.27
C LEU A 176 -6.52 0.46 -15.56
N THR A 177 -5.58 1.32 -15.93
CA THR A 177 -5.86 2.73 -16.20
C THR A 177 -6.66 2.95 -17.47
N SER A 178 -6.92 1.88 -18.21
CA SER A 178 -7.89 1.94 -19.30
C SER A 178 -9.24 2.30 -18.74
N ILE A 179 -9.50 1.88 -17.50
CA ILE A 179 -10.77 2.18 -16.85
C ILE A 179 -10.78 3.60 -16.31
N ALA A 180 -9.80 3.97 -15.50
CA ALA A 180 -9.65 5.34 -15.05
C ALA A 180 -8.23 5.62 -14.62
N ILE A 181 -7.89 6.90 -14.45
CA ILE A 181 -6.54 7.24 -14.01
C ILE A 181 -6.61 7.82 -12.61
N PRO A 182 -5.75 7.30 -11.71
CA PRO A 182 -5.66 7.74 -10.32
C PRO A 182 -4.83 8.99 -10.20
N LYS A 183 -5.03 9.74 -9.11
CA LYS A 183 -4.18 10.88 -8.83
C LYS A 183 -2.80 10.44 -8.33
N VAL A 184 -2.81 9.46 -7.41
CA VAL A 184 -1.61 9.07 -6.68
C VAL A 184 -1.49 7.56 -6.54
N ILE A 185 -0.28 7.06 -6.70
CA ILE A 185 0.02 5.65 -6.43
C ILE A 185 1.04 5.53 -5.29
N HIS A 186 0.64 4.85 -4.22
CA HIS A 186 1.53 4.60 -3.10
C HIS A 186 2.09 3.17 -3.14
N SER A 187 3.40 3.05 -2.95
CA SER A 187 4.06 1.76 -3.03
C SER A 187 5.18 1.65 -2.03
N ASP A 188 5.63 0.41 -1.75
CA ASP A 188 6.89 0.25 -1.03
C ASP A 188 8.07 0.51 -1.95
N GLN A 189 9.24 0.64 -1.37
CA GLN A 189 10.42 1.02 -2.13
C GLN A 189 11.06 -0.16 -2.85
N GLY A 190 10.24 -1.16 -3.15
CA GLY A 190 10.67 -2.31 -3.94
C GLY A 190 11.19 -1.91 -5.31
N ALA A 191 12.21 -2.63 -5.77
CA ALA A 191 12.93 -2.32 -7.01
C ALA A 191 12.03 -1.96 -8.18
N ALA A 192 10.87 -2.60 -8.24
CA ALA A 192 9.96 -2.47 -9.37
C ALA A 192 9.35 -1.08 -9.49
N PHE A 193 9.13 -0.42 -8.36
CA PHE A 193 8.41 0.87 -8.34
C PHE A 193 9.31 2.09 -8.20
N THR A 194 10.55 1.88 -7.78
CA THR A 194 11.48 2.96 -7.57
C THR A 194 12.24 3.29 -8.83
N SER A 195 12.33 2.32 -9.73
CA SER A 195 13.04 2.47 -11.01
C SER A 195 12.65 3.75 -11.76
N SER A 196 13.57 4.27 -12.56
CA SER A 196 13.32 5.49 -13.33
C SER A 196 12.27 5.27 -14.42
N THR A 197 12.24 4.06 -14.97
CA THR A 197 11.31 3.71 -16.05
C THR A 197 9.88 3.86 -15.59
N PHE A 198 9.62 3.39 -14.36
CA PHE A 198 8.29 3.52 -13.77
C PHE A 198 7.97 4.98 -13.50
N ALA A 199 8.87 5.66 -12.80
CA ALA A 199 8.73 7.07 -12.46
C ALA A 199 8.26 7.92 -13.64
N GLU A 200 8.74 7.59 -14.84
CA GLU A 200 8.39 8.33 -16.04
C GLU A 200 7.04 7.90 -16.57
N TRP A 201 6.82 6.59 -16.66
CA TRP A 201 5.52 6.05 -17.02
C TRP A 201 4.46 6.81 -16.25
N ALA A 202 4.74 7.03 -14.96
CA ALA A 202 3.80 7.69 -14.07
C ALA A 202 3.68 9.17 -14.36
N LYS A 203 4.80 9.83 -14.67
CA LYS A 203 4.77 11.26 -14.98
C LYS A 203 4.07 11.51 -16.31
N GLU A 204 4.30 10.63 -17.28
CA GLU A 204 3.60 10.63 -18.58
C GLU A 204 2.11 10.76 -18.41
N ARG A 205 1.57 10.22 -17.32
CA ARG A 205 0.14 10.16 -17.11
C ARG A 205 -0.36 11.16 -16.06
N GLY A 206 0.55 11.94 -15.50
CA GLY A 206 0.18 12.92 -14.48
C GLY A 206 -0.28 12.25 -13.21
N ILE A 207 0.39 11.17 -12.85
CA ILE A 207 0.11 10.44 -11.62
C ILE A 207 1.27 10.65 -10.66
N HIS A 208 0.98 11.16 -9.48
CA HIS A 208 2.02 11.36 -8.48
C HIS A 208 2.39 10.04 -7.80
N LEU A 209 3.68 9.72 -7.83
CA LEU A 209 4.20 8.56 -7.12
C LEU A 209 4.55 8.93 -5.70
N GLU A 210 4.24 8.04 -4.78
CA GLU A 210 4.48 8.25 -3.36
C GLU A 210 4.92 6.95 -2.74
N PHE A 211 5.94 7.02 -1.89
CA PHE A 211 6.57 5.83 -1.35
C PHE A 211 6.57 5.87 0.16
N SER A 212 6.35 4.71 0.77
CA SER A 212 6.44 4.57 2.22
C SER A 212 7.90 4.55 2.65
N THR A 213 8.16 4.90 3.90
CA THR A 213 9.52 4.89 4.45
C THR A 213 10.10 3.48 4.30
N PRO A 214 11.44 3.37 4.20
CA PRO A 214 12.11 2.07 4.05
C PRO A 214 11.82 1.08 5.18
N TYR A 215 11.60 -0.18 4.81
CA TYR A 215 11.35 -1.29 5.74
C TYR A 215 10.24 -1.01 6.77
N HIS A 216 9.05 -0.73 6.24
CA HIS A 216 7.88 -0.40 7.04
C HIS A 216 6.68 -0.79 6.18
N PRO A 217 6.38 -2.11 6.10
CA PRO A 217 5.27 -2.50 5.26
C PRO A 217 3.97 -1.88 5.73
N GLN A 218 3.88 -1.59 7.03
CA GLN A 218 2.65 -1.05 7.60
C GLN A 218 2.14 0.18 6.86
N SER A 219 3.04 0.89 6.18
CA SER A 219 2.64 2.10 5.46
C SER A 219 1.82 1.72 4.21
N SER A 220 2.30 0.73 3.45
CA SER A 220 1.52 0.14 2.36
C SER A 220 0.38 -0.73 2.90
N GLY A 221 0.00 -0.47 4.15
CA GLY A 221 -0.85 -1.34 4.96
C GLY A 221 -2.22 -1.63 4.41
N LYS A 222 -2.75 -0.70 3.64
CA LYS A 222 -4.03 -0.92 3.02
C LYS A 222 -3.94 -2.02 1.97
N VAL A 223 -2.83 -2.12 1.24
CA VAL A 223 -2.67 -3.23 0.29
C VAL A 223 -2.31 -4.48 1.03
N GLU A 224 -1.39 -4.35 1.98
CA GLU A 224 -0.90 -5.49 2.72
C GLU A 224 -2.08 -6.23 3.30
N ARG A 225 -2.97 -5.48 3.95
CA ARG A 225 -4.16 -6.09 4.53
C ARG A 225 -5.05 -6.76 3.50
N LYS A 226 -5.01 -6.33 2.25
CA LYS A 226 -5.73 -7.04 1.19
C LYS A 226 -4.98 -8.32 0.79
N ASN A 227 -3.65 -8.29 0.89
CA ASN A 227 -2.87 -9.47 0.60
C ASN A 227 -3.27 -10.63 1.49
N SER A 228 -3.38 -10.34 2.78
CA SER A 228 -3.85 -11.30 3.75
C SER A 228 -5.12 -11.96 3.25
N ASP A 229 -6.13 -11.15 2.97
CA ASP A 229 -7.41 -11.68 2.54
C ASP A 229 -7.37 -12.47 1.25
N ILE A 230 -6.47 -12.07 0.34
CA ILE A 230 -6.23 -12.83 -0.90
C ILE A 230 -5.64 -14.22 -0.56
N LYS A 231 -4.43 -14.24 -0.01
CA LYS A 231 -3.81 -15.50 0.37
C LYS A 231 -4.76 -16.39 1.17
N ARG A 232 -5.48 -15.83 2.13
CA ARG A 232 -6.43 -16.62 2.94
C ARG A 232 -7.50 -17.32 2.08
N LEU A 233 -8.21 -16.57 1.25
CA LEU A 233 -9.23 -17.15 0.37
C LEU A 233 -8.69 -18.14 -0.67
N LEU A 234 -7.52 -17.86 -1.25
CA LEU A 234 -6.87 -18.80 -2.15
C LEU A 234 -6.54 -20.10 -1.43
N THR A 235 -5.91 -19.97 -0.26
CA THR A 235 -5.64 -21.13 0.57
C THR A 235 -6.90 -22.01 0.69
N LYS A 236 -8.01 -21.36 1.05
CA LYS A 236 -9.26 -22.04 1.32
C LYS A 236 -9.80 -22.72 0.07
N LEU A 237 -9.53 -22.12 -1.08
CA LEU A 237 -10.04 -22.67 -2.33
C LEU A 237 -9.16 -23.78 -2.85
N LEU A 238 -8.00 -23.94 -2.22
CA LEU A 238 -7.02 -24.89 -2.70
C LEU A 238 -6.77 -26.05 -1.74
N VAL A 239 -7.56 -26.16 -0.67
CA VAL A 239 -7.42 -27.28 0.26
C VAL A 239 -7.71 -28.55 -0.53
N GLY A 240 -6.89 -29.58 -0.38
CA GLY A 240 -7.08 -30.77 -1.18
C GLY A 240 -6.39 -30.66 -2.54
N ARG A 241 -6.86 -29.76 -3.40
CA ARG A 241 -6.30 -29.62 -4.77
C ARG A 241 -4.82 -29.22 -4.83
N PRO A 242 -4.15 -29.50 -5.96
CA PRO A 242 -2.84 -28.92 -6.23
C PRO A 242 -2.97 -27.42 -6.43
N THR A 243 -1.94 -26.67 -5.99
CA THR A 243 -1.96 -25.20 -5.96
C THR A 243 -2.01 -24.54 -7.34
N LYS A 244 -3.17 -24.60 -7.99
CA LYS A 244 -3.37 -24.00 -9.31
C LYS A 244 -4.13 -22.70 -9.17
N TRP A 245 -3.43 -21.66 -8.74
CA TRP A 245 -4.07 -20.40 -8.40
C TRP A 245 -4.36 -19.48 -9.58
N TYR A 246 -3.56 -19.59 -10.66
CA TYR A 246 -3.73 -18.71 -11.82
C TYR A 246 -5.20 -18.50 -12.19
N ASP A 247 -5.90 -19.59 -12.51
CA ASP A 247 -7.29 -19.49 -12.94
C ASP A 247 -8.23 -19.08 -11.82
N LEU A 248 -7.76 -19.13 -10.58
CA LEU A 248 -8.62 -18.70 -9.48
C LEU A 248 -8.67 -17.19 -9.27
N LEU A 249 -7.58 -16.50 -9.61
CA LEU A 249 -7.47 -15.05 -9.38
C LEU A 249 -8.73 -14.25 -9.67
N PRO A 250 -9.24 -14.29 -10.93
CA PRO A 250 -10.53 -13.65 -11.22
C PRO A 250 -11.59 -13.91 -10.14
N VAL A 251 -11.85 -15.17 -9.81
CA VAL A 251 -12.87 -15.50 -8.82
C VAL A 251 -12.60 -14.78 -7.50
N VAL A 252 -11.38 -14.92 -7.00
CA VAL A 252 -10.96 -14.22 -5.80
C VAL A 252 -11.26 -12.72 -5.92
N GLN A 253 -10.78 -12.10 -7.00
CA GLN A 253 -10.98 -10.67 -7.26
C GLN A 253 -12.43 -10.27 -7.04
N LEU A 254 -13.32 -10.84 -7.85
CA LEU A 254 -14.76 -10.72 -7.69
C LEU A 254 -15.25 -10.97 -6.28
N ALA A 255 -14.89 -12.13 -5.72
CA ALA A 255 -15.40 -12.54 -4.41
C ALA A 255 -15.09 -11.47 -3.38
N LEU A 256 -13.83 -11.03 -3.38
CA LEU A 256 -13.35 -10.07 -2.41
C LEU A 256 -13.89 -8.66 -2.60
N ASN A 257 -14.24 -8.31 -3.84
CA ASN A 257 -14.70 -6.98 -4.15
C ASN A 257 -16.15 -6.85 -3.82
N ASN A 258 -16.82 -8.00 -3.72
CA ASN A 258 -18.22 -8.03 -3.35
C ASN A 258 -18.43 -8.56 -1.93
N THR A 259 -17.42 -8.48 -1.07
CA THR A 259 -17.55 -8.88 0.34
C THR A 259 -17.79 -7.71 1.31
N TYR A 260 -18.85 -7.81 2.10
CA TYR A 260 -19.18 -6.77 3.07
C TYR A 260 -18.08 -6.59 4.12
N SER A 261 -17.63 -5.36 4.36
CA SER A 261 -16.85 -5.09 5.56
C SER A 261 -17.86 -4.92 6.68
N PRO A 262 -17.81 -5.79 7.71
CA PRO A 262 -18.81 -5.70 8.76
C PRO A 262 -18.92 -4.33 9.43
N VAL A 263 -17.81 -3.58 9.45
CA VAL A 263 -17.74 -2.24 10.04
C VAL A 263 -18.43 -1.18 9.21
N LEU A 264 -18.37 -1.34 7.90
CA LEU A 264 -18.90 -0.33 7.00
C LEU A 264 -20.32 -0.68 6.59
N LYS A 265 -20.63 -1.96 6.65
CA LYS A 265 -21.85 -2.52 6.06
C LYS A 265 -21.95 -2.27 4.55
N TYR A 266 -20.81 -2.42 3.85
CA TYR A 266 -20.69 -2.21 2.41
C TYR A 266 -19.54 -3.00 1.77
N THR A 267 -19.82 -3.60 0.61
CA THR A 267 -18.80 -4.26 -0.22
C THR A 267 -18.05 -3.19 -0.99
N PRO A 268 -16.76 -3.42 -1.27
CA PRO A 268 -16.01 -2.40 -2.02
C PRO A 268 -16.75 -2.00 -3.28
N HIS A 269 -17.20 -3.00 -4.04
CA HIS A 269 -17.91 -2.80 -5.29
C HIS A 269 -19.00 -1.77 -5.09
N GLN A 270 -19.79 -1.93 -4.03
CA GLN A 270 -20.86 -0.97 -3.73
C GLN A 270 -20.31 0.45 -3.59
N LEU A 271 -19.25 0.61 -2.83
CA LEU A 271 -18.66 1.92 -2.67
C LEU A 271 -18.09 2.47 -3.99
N LEU A 272 -17.69 1.60 -4.90
CA LEU A 272 -17.21 2.07 -6.20
C LEU A 272 -18.33 2.42 -7.17
N PHE A 273 -19.39 1.62 -7.20
CA PHE A 273 -20.46 1.79 -8.19
C PHE A 273 -21.81 2.27 -7.66
N GLY A 274 -22.04 2.11 -6.37
CA GLY A 274 -23.32 2.51 -5.79
C GLY A 274 -24.49 1.56 -6.08
N ILE A 275 -24.23 0.53 -6.89
CA ILE A 275 -25.19 -0.56 -7.15
C ILE A 275 -24.46 -1.91 -7.24
N ASP A 276 -25.14 -2.99 -6.87
CA ASP A 276 -24.60 -4.33 -7.02
C ASP A 276 -24.80 -4.80 -8.46
N SER A 277 -23.79 -5.43 -9.05
CA SER A 277 -23.94 -6.04 -10.38
C SER A 277 -24.78 -7.34 -10.32
N ASN A 278 -24.70 -8.16 -11.37
CA ASN A 278 -25.44 -9.42 -11.39
C ASN A 278 -24.70 -10.53 -10.65
N THR A 279 -24.45 -10.23 -9.38
CA THR A 279 -23.79 -11.12 -8.47
C THR A 279 -24.84 -11.88 -7.67
N PRO A 280 -24.48 -13.07 -7.14
CA PRO A 280 -25.23 -13.74 -6.09
C PRO A 280 -25.59 -12.80 -4.94
N PHE A 281 -26.84 -12.87 -4.49
CA PHE A 281 -27.33 -12.10 -3.35
C PHE A 281 -27.17 -10.60 -3.50
N ALA A 282 -27.34 -10.11 -4.73
CA ALA A 282 -27.22 -8.69 -5.03
C ALA A 282 -28.32 -7.89 -4.34
N ASN A 283 -27.88 -6.89 -3.56
CA ASN A 283 -28.78 -6.04 -2.78
C ASN A 283 -29.63 -5.13 -3.66
N GLN A 284 -30.93 -5.14 -3.40
CA GLN A 284 -31.91 -4.45 -4.22
C GLN A 284 -32.41 -3.12 -3.68
N ASP A 285 -32.05 -2.81 -2.43
CA ASP A 285 -32.61 -1.64 -1.72
C ASP A 285 -32.86 -0.35 -2.52
N THR A 286 -32.01 -0.05 -3.50
CA THR A 286 -32.11 1.20 -4.23
C THR A 286 -32.81 1.05 -5.58
N LEU A 287 -33.52 -0.06 -5.77
CA LEU A 287 -34.08 -0.44 -7.05
C LEU A 287 -35.07 0.59 -7.62
N ASP A 288 -35.60 1.42 -6.73
CA ASP A 288 -36.61 2.42 -7.08
C ASP A 288 -36.08 3.80 -7.38
N LEU A 289 -34.83 4.06 -7.03
CA LEU A 289 -34.27 5.38 -7.24
C LEU A 289 -33.78 5.47 -8.66
N THR A 290 -33.89 6.66 -9.26
CA THR A 290 -33.27 6.94 -10.54
C THR A 290 -31.79 6.75 -10.31
N ARG A 291 -31.00 6.64 -11.37
CA ARG A 291 -29.56 6.59 -11.20
C ARG A 291 -29.09 7.78 -10.39
N GLU A 292 -29.61 8.96 -10.71
CA GLU A 292 -29.20 10.22 -10.07
C GLU A 292 -29.40 10.21 -8.55
N GLU A 293 -30.62 9.85 -8.12
CA GLU A 293 -30.94 9.81 -6.70
C GLU A 293 -29.96 8.90 -5.99
N GLU A 294 -29.86 7.68 -6.50
CA GLU A 294 -28.90 6.67 -6.08
C GLU A 294 -27.48 7.22 -6.01
N LEU A 295 -27.03 7.86 -7.09
CA LEU A 295 -25.65 8.36 -7.19
C LEU A 295 -25.27 9.37 -6.12
N SER A 296 -26.21 10.19 -5.69
CA SER A 296 -25.92 11.15 -4.64
C SER A 296 -26.07 10.50 -3.26
N LEU A 297 -26.97 9.52 -3.12
CA LEU A 297 -27.05 8.76 -1.88
C LEU A 297 -25.71 8.08 -1.62
N LEU A 298 -25.12 7.55 -2.69
CA LEU A 298 -23.79 6.96 -2.61
C LEU A 298 -22.76 7.99 -2.19
N GLN A 299 -22.86 9.18 -2.78
CA GLN A 299 -21.91 10.25 -2.51
C GLN A 299 -21.95 10.67 -1.04
N GLU A 300 -23.14 10.55 -0.45
CA GLU A 300 -23.34 10.76 0.96
C GLU A 300 -22.60 9.66 1.74
N ILE A 301 -23.01 8.40 1.56
CA ILE A 301 -22.42 7.26 2.28
C ILE A 301 -20.91 7.32 2.41
N ARG A 302 -20.26 7.58 1.27
CA ARG A 302 -18.81 7.69 1.20
C ARG A 302 -18.20 8.64 2.25
N THR A 303 -18.87 9.76 2.53
CA THR A 303 -18.38 10.74 3.50
C THR A 303 -18.67 10.35 4.94
N SER A 304 -19.80 9.68 5.15
CA SER A 304 -20.25 9.28 6.48
C SER A 304 -19.64 7.95 6.97
N LEU A 305 -18.59 7.49 6.28
CA LEU A 305 -17.94 6.24 6.62
C LEU A 305 -17.19 6.26 7.94
N TYR A 306 -17.28 5.14 8.65
CA TYR A 306 -16.57 4.96 9.89
C TYR A 306 -15.07 5.20 9.75
N HIS A 307 -14.53 6.04 10.61
CA HIS A 307 -13.10 6.23 10.59
C HIS A 307 -12.45 6.19 11.97
N PRO A 308 -11.52 5.24 12.16
CA PRO A 308 -10.81 4.95 13.42
C PRO A 308 -9.99 6.12 13.91
N SER A 309 -9.80 6.20 15.22
CA SER A 309 -8.86 7.19 15.79
C SER A 309 -7.60 6.50 16.30
N THR A 310 -6.54 7.28 16.50
CA THR A 310 -5.28 6.71 16.99
C THR A 310 -5.49 6.17 18.41
N PRO A 311 -4.77 5.09 18.77
CA PRO A 311 -4.84 4.45 20.09
C PRO A 311 -4.05 5.18 21.19
N PRO A 312 -4.37 4.89 22.47
CA PRO A 312 -3.63 5.51 23.56
C PRO A 312 -2.15 5.19 23.44
N ALA A 313 -1.31 6.13 23.83
CA ALA A 313 0.13 5.92 23.88
C ALA A 313 0.44 4.80 24.86
N SER A 314 1.42 3.95 24.53
CA SER A 314 1.88 2.96 25.49
C SER A 314 2.64 3.74 26.55
N SER A 315 2.60 3.24 27.79
CA SER A 315 3.06 4.02 28.95
C SER A 315 4.54 4.47 28.89
N ARG A 316 5.35 3.76 28.12
CA ARG A 316 6.76 4.12 27.98
C ARG A 316 7.16 4.35 26.54
N SER A 317 6.49 5.31 25.89
CA SER A 317 6.76 5.62 24.49
C SER A 317 7.61 6.86 24.35
N TRP A 318 8.04 7.13 23.14
CA TRP A 318 8.79 8.35 22.88
C TRP A 318 8.33 9.05 21.61
N SER A 319 8.52 10.36 21.58
CA SER A 319 8.28 11.11 20.37
C SER A 319 9.51 11.87 19.93
N PRO A 320 9.65 12.02 18.59
CA PRO A 320 10.84 12.61 18.02
C PRO A 320 10.79 14.13 18.08
N VAL A 321 11.80 14.71 18.71
CA VAL A 321 11.99 16.16 18.81
C VAL A 321 13.08 16.56 17.81
N VAL A 322 12.93 17.72 17.18
CA VAL A 322 13.96 18.25 16.28
C VAL A 322 15.31 18.36 16.98
N GLY A 323 16.38 17.93 16.32
CA GLY A 323 17.72 17.95 16.90
C GLY A 323 17.95 16.95 18.04
N GLN A 324 17.42 15.75 17.86
CA GLN A 324 17.53 14.68 18.85
C GLN A 324 18.53 13.63 18.38
N LEU A 325 19.29 13.08 19.32
CA LEU A 325 20.19 11.99 18.99
C LEU A 325 19.42 10.70 18.90
N VAL A 326 19.41 10.13 17.69
CA VAL A 326 18.48 9.10 17.27
C VAL A 326 19.22 8.12 16.37
N GLN A 327 18.94 6.84 16.47
CA GLN A 327 19.68 5.88 15.64
C GLN A 327 18.79 4.96 14.80
N GLU A 328 19.25 4.70 13.58
CA GLU A 328 18.53 3.89 12.61
C GLU A 328 18.93 2.44 12.71
N ARG A 329 17.95 1.53 12.60
CA ARG A 329 18.24 0.09 12.65
C ARG A 329 18.95 -0.36 11.39
N VAL A 330 19.81 -1.37 11.52
CA VAL A 330 20.53 -1.88 10.37
C VAL A 330 19.56 -2.57 9.41
N ALA A 331 19.80 -2.38 8.11
CA ALA A 331 19.10 -3.07 7.05
C ALA A 331 19.07 -4.58 7.30
N ARG A 332 20.05 -5.29 6.77
CA ARG A 332 20.11 -6.73 6.92
C ARG A 332 21.31 -7.12 7.76
N PRO A 333 21.19 -7.02 9.10
CA PRO A 333 22.34 -7.20 9.99
C PRO A 333 23.02 -8.48 9.67
N ALA A 334 24.35 -8.47 9.62
CA ALA A 334 25.09 -9.71 9.43
C ALA A 334 25.16 -10.48 10.75
N SER A 335 25.66 -11.71 10.68
CA SER A 335 25.73 -12.58 11.84
C SER A 335 26.77 -12.07 12.84
N LEU A 336 26.31 -11.75 14.06
CA LEU A 336 27.17 -11.24 15.14
C LEU A 336 27.54 -9.76 15.02
N ARG A 337 26.89 -9.03 14.12
CA ARG A 337 27.20 -7.61 13.93
C ARG A 337 26.06 -6.69 14.44
N PRO A 338 26.38 -5.42 14.77
CA PRO A 338 25.47 -4.53 15.48
C PRO A 338 24.12 -4.33 14.84
N ARG A 339 23.06 -4.39 15.63
CA ARG A 339 21.71 -4.23 15.11
C ARG A 339 21.31 -2.77 14.83
N TRP A 340 22.18 -1.80 15.19
CA TRP A 340 21.93 -0.35 14.98
C TRP A 340 23.09 0.42 14.35
N HIS A 341 22.76 1.47 13.58
CA HIS A 341 23.76 2.38 12.99
C HIS A 341 24.23 3.40 14.05
N LYS A 342 25.30 4.15 13.73
CA LYS A 342 25.82 5.19 14.65
C LYS A 342 24.78 6.27 14.86
N PRO A 343 25.00 7.17 15.88
CA PRO A 343 23.98 8.20 16.17
C PRO A 343 23.82 9.13 15.02
N SER A 344 22.60 9.64 14.83
CA SER A 344 22.32 10.64 13.81
C SER A 344 21.25 11.60 14.32
N THR A 345 21.04 12.70 13.62
CA THR A 345 20.24 13.79 14.16
C THR A 345 18.91 13.95 13.44
N VAL A 346 17.87 14.27 14.20
CA VAL A 346 16.57 14.58 13.65
C VAL A 346 16.61 15.94 12.92
N LEU A 347 16.41 15.92 11.61
CA LEU A 347 16.42 17.15 10.84
C LEU A 347 15.08 17.85 10.90
N LYS A 348 14.05 17.20 10.37
CA LYS A 348 12.68 17.72 10.46
C LYS A 348 11.78 16.61 10.99
N VAL A 349 10.63 16.99 11.55
CA VAL A 349 9.64 16.01 12.02
C VAL A 349 8.38 16.10 11.16
N LEU A 350 8.31 15.25 10.14
CA LEU A 350 7.21 15.28 9.19
C LEU A 350 5.85 15.07 9.85
N ASN A 351 5.78 14.12 10.78
CA ASN A 351 4.60 13.90 11.60
C ASN A 351 5.06 13.20 12.87
N PRO A 352 4.19 13.03 13.89
CA PRO A 352 4.73 12.47 15.13
C PRO A 352 5.30 11.06 14.94
N ARG A 353 5.25 10.53 13.71
CA ARG A 353 5.69 9.16 13.40
C ARG A 353 6.64 8.98 12.23
N THR A 354 6.98 10.09 11.58
CA THR A 354 7.89 10.06 10.45
C THR A 354 8.91 11.18 10.61
N VAL A 355 10.18 10.88 10.35
CA VAL A 355 11.26 11.79 10.62
C VAL A 355 12.22 11.86 9.44
N VAL A 356 12.83 13.02 9.22
CA VAL A 356 13.96 13.14 8.31
C VAL A 356 15.23 13.26 9.14
N ILE A 357 16.21 12.42 8.81
CA ILE A 357 17.46 12.37 9.56
C ILE A 357 18.67 12.54 8.66
N LEU A 358 19.68 13.22 9.20
CA LEU A 358 21.00 13.29 8.60
C LEU A 358 21.81 12.10 9.10
N ASP A 359 22.01 11.11 8.22
CA ASP A 359 22.52 9.79 8.62
C ASP A 359 24.03 9.62 8.49
N HIS A 360 24.42 8.44 8.00
CA HIS A 360 25.80 8.04 7.69
C HIS A 360 26.20 8.16 6.18
N LEU A 361 26.76 9.29 5.74
CA LEU A 361 27.02 10.49 6.54
C LEU A 361 27.57 11.57 5.61
N GLY A 362 26.71 12.50 5.22
CA GLY A 362 25.32 12.51 5.63
C GLY A 362 24.38 12.81 4.48
N ASN A 363 23.33 11.99 4.40
CA ASN A 363 22.26 12.19 3.43
C ASN A 363 20.94 12.26 4.18
N ASN A 364 20.03 13.09 3.67
CA ASN A 364 18.71 13.19 4.26
C ASN A 364 17.97 11.89 4.00
N ARG A 365 17.48 11.27 5.07
CA ARG A 365 16.71 10.05 4.96
C ARG A 365 15.37 10.30 5.59
N THR A 366 14.32 9.86 4.91
CA THR A 366 12.99 9.84 5.51
C THR A 366 12.74 8.45 6.07
N VAL A 367 12.36 8.40 7.34
CA VAL A 367 12.36 7.19 8.12
C VAL A 367 11.16 7.13 9.05
N SER A 368 10.74 5.93 9.40
CA SER A 368 9.66 5.76 10.35
C SER A 368 10.26 5.52 11.71
N ILE A 369 9.62 6.07 12.74
CA ILE A 369 10.10 5.88 14.11
C ILE A 369 10.34 4.40 14.43
N ASP A 370 9.51 3.52 13.88
CA ASP A 370 9.64 2.09 14.14
C ASP A 370 11.03 1.54 13.78
N ASN A 371 11.77 2.28 12.97
CA ASN A 371 13.12 1.90 12.65
C ASN A 371 14.12 2.74 13.40
N LEU A 372 13.67 3.40 14.46
CA LEU A 372 14.54 4.27 15.24
C LEU A 372 14.54 3.96 16.72
N LYS A 373 15.70 4.20 17.35
CA LYS A 373 15.77 4.24 18.80
C LYS A 373 16.40 5.56 19.20
N PRO A 374 15.94 6.15 20.31
CA PRO A 374 16.58 7.36 20.79
C PRO A 374 17.91 6.99 21.40
N THR A 375 18.98 7.70 21.04
CA THR A 375 20.24 7.43 21.72
C THR A 375 20.02 7.74 23.19
N SER A 376 20.38 6.78 24.02
CA SER A 376 20.21 6.88 25.45
C SER A 376 21.45 7.55 26.03
N HIS A 377 21.26 8.46 27.00
CA HIS A 377 22.34 9.31 27.59
C HIS A 377 22.73 10.50 26.68
N ASP B 119 -42.37 1.54 -14.90
CA ASP B 119 -41.53 0.37 -14.50
C ASP B 119 -40.40 0.81 -13.52
N ARG B 120 -39.37 -0.02 -13.40
CA ARG B 120 -38.18 0.28 -12.58
C ARG B 120 -37.15 1.02 -13.45
N PRO B 121 -36.66 2.20 -12.99
CA PRO B 121 -35.73 3.03 -13.75
C PRO B 121 -34.41 2.34 -14.06
N GLN B 122 -33.81 2.68 -15.19
CA GLN B 122 -32.65 1.96 -15.73
C GLN B 122 -31.35 2.23 -14.99
N LYS B 123 -30.49 1.20 -14.92
CA LYS B 123 -29.28 1.21 -14.07
C LYS B 123 -28.02 0.58 -14.73
N PRO B 124 -26.82 0.91 -14.22
CA PRO B 124 -25.59 0.31 -14.73
C PRO B 124 -25.56 -1.18 -14.45
N PHE B 125 -25.08 -1.95 -15.43
CA PHE B 125 -25.00 -3.40 -15.31
C PHE B 125 -26.30 -4.07 -15.69
N ASP B 126 -27.30 -3.27 -16.06
CA ASP B 126 -28.58 -3.80 -16.48
C ASP B 126 -28.49 -4.52 -17.81
N LYS B 127 -27.62 -4.03 -18.67
CA LYS B 127 -27.49 -4.54 -20.02
C LYS B 127 -26.17 -4.07 -20.62
N PHE B 128 -25.47 -5.02 -21.23
CA PHE B 128 -24.19 -4.78 -21.88
C PHE B 128 -24.37 -5.06 -23.35
N PHE B 129 -24.05 -4.08 -24.20
CA PHE B 129 -24.09 -4.30 -25.64
C PHE B 129 -22.71 -4.67 -26.14
N ILE B 130 -22.61 -5.79 -26.87
CA ILE B 130 -21.31 -6.23 -27.41
C ILE B 130 -21.29 -6.43 -28.92
N ASP B 131 -20.15 -6.13 -29.51
CA ASP B 131 -19.98 -6.33 -30.93
C ASP B 131 -18.51 -6.37 -31.27
N TYR B 132 -18.21 -6.93 -32.43
CA TYR B 132 -16.84 -6.98 -32.94
C TYR B 132 -16.63 -5.95 -34.02
N ILE B 133 -15.53 -5.19 -33.88
CA ILE B 133 -14.98 -4.39 -34.97
C ILE B 133 -13.76 -5.13 -35.50
N GLY B 134 -13.68 -5.26 -36.82
CA GLY B 134 -12.57 -5.94 -37.46
C GLY B 134 -12.96 -6.59 -38.77
N PRO B 135 -11.96 -7.08 -39.54
CA PRO B 135 -10.54 -7.11 -39.18
C PRO B 135 -9.87 -5.75 -39.34
N LEU B 136 -8.82 -5.53 -38.56
CA LEU B 136 -7.99 -4.33 -38.68
C LEU B 136 -6.57 -4.73 -39.08
N PRO B 137 -5.77 -3.76 -39.59
CA PRO B 137 -4.34 -4.00 -39.76
C PRO B 137 -3.73 -4.55 -38.47
N PRO B 138 -2.90 -5.61 -38.58
CA PRO B 138 -2.34 -6.27 -37.39
C PRO B 138 -1.51 -5.34 -36.53
N SER B 139 -1.81 -5.33 -35.23
CA SER B 139 -0.98 -4.67 -34.23
C SER B 139 -0.72 -5.67 -33.11
N GLN B 140 0.56 -5.88 -32.82
CA GLN B 140 0.99 -6.85 -31.82
C GLN B 140 0.37 -8.22 -32.08
N GLY B 141 0.09 -8.51 -33.35
CA GLY B 141 -0.56 -9.76 -33.73
C GLY B 141 -2.03 -9.87 -33.35
N TYR B 142 -2.67 -8.73 -33.10
CA TYR B 142 -4.12 -8.68 -32.86
C TYR B 142 -4.83 -8.15 -34.09
N LEU B 143 -6.13 -8.46 -34.20
CA LEU B 143 -6.86 -8.19 -35.45
C LEU B 143 -8.26 -7.62 -35.27
N TYR B 144 -8.87 -7.88 -34.10
CA TYR B 144 -10.25 -7.48 -33.85
C TYR B 144 -10.39 -6.75 -32.52
N VAL B 145 -11.41 -5.91 -32.41
CA VAL B 145 -11.70 -5.27 -31.14
C VAL B 145 -13.12 -5.64 -30.74
N LEU B 146 -13.24 -6.25 -29.56
CA LEU B 146 -14.53 -6.53 -28.98
C LEU B 146 -14.97 -5.30 -28.19
N VAL B 147 -16.14 -4.79 -28.52
CA VAL B 147 -16.63 -3.53 -27.95
C VAL B 147 -17.78 -3.80 -27.00
N VAL B 148 -17.60 -3.38 -25.75
CA VAL B 148 -18.64 -3.52 -24.74
C VAL B 148 -19.02 -2.17 -24.21
N VAL B 149 -20.27 -1.78 -24.48
CA VAL B 149 -20.84 -0.54 -23.94
C VAL B 149 -21.94 -0.86 -22.92
N ASP B 150 -21.91 -0.17 -21.79
CA ASP B 150 -22.98 -0.32 -20.81
C ASP B 150 -24.23 0.50 -21.19
N GLY B 151 -25.34 -0.21 -21.28
CA GLY B 151 -26.62 0.32 -21.76
C GLY B 151 -27.08 1.63 -21.17
N MET B 152 -26.94 1.78 -19.86
CA MET B 152 -27.43 2.97 -19.16
C MET B 152 -26.42 4.11 -19.12
N THR B 153 -25.18 3.82 -18.72
CA THR B 153 -24.15 4.85 -18.59
C THR B 153 -23.46 5.20 -19.90
N GLY B 154 -23.30 4.23 -20.79
CA GLY B 154 -22.52 4.45 -22.01
C GLY B 154 -21.03 4.22 -21.80
N PHE B 155 -20.69 3.66 -20.64
CA PHE B 155 -19.31 3.31 -20.37
C PHE B 155 -18.86 2.20 -21.30
N THR B 156 -17.63 2.33 -21.79
CA THR B 156 -17.10 1.45 -22.81
C THR B 156 -15.86 0.68 -22.40
N TRP B 157 -15.86 -0.60 -22.70
CA TRP B 157 -14.67 -1.40 -22.65
C TRP B 157 -14.27 -1.83 -24.06
N LEU B 158 -12.96 -1.88 -24.29
CA LEU B 158 -12.39 -2.33 -25.57
C LEU B 158 -11.40 -3.47 -25.34
N TYR B 159 -11.61 -4.59 -26.02
CA TYR B 159 -10.72 -5.74 -25.87
C TYR B 159 -10.19 -6.19 -27.21
N PRO B 160 -8.85 -6.23 -27.35
CA PRO B 160 -8.26 -6.68 -28.61
C PRO B 160 -8.29 -8.18 -28.69
N THR B 161 -8.69 -8.74 -29.83
CA THR B 161 -8.71 -10.18 -30.01
C THR B 161 -8.05 -10.58 -31.34
N LYS B 162 -7.73 -11.87 -31.46
CA LYS B 162 -7.07 -12.40 -32.66
C LYS B 162 -8.06 -13.00 -33.67
N ALA B 163 -9.33 -13.09 -33.26
CA ALA B 163 -10.41 -13.67 -34.06
C ALA B 163 -11.77 -13.39 -33.43
N PRO B 164 -12.81 -13.18 -34.27
CA PRO B 164 -14.16 -12.95 -33.75
C PRO B 164 -14.81 -14.29 -33.36
N SER B 165 -14.19 -14.98 -32.43
CA SER B 165 -14.61 -16.33 -32.07
C SER B 165 -15.15 -16.35 -30.67
N THR B 166 -16.11 -17.25 -30.44
CA THR B 166 -16.60 -17.54 -29.10
C THR B 166 -15.46 -17.57 -28.10
N SER B 167 -14.45 -18.37 -28.43
CA SER B 167 -13.27 -18.54 -27.61
C SER B 167 -12.73 -17.18 -27.13
N ALA B 168 -12.29 -16.34 -28.07
CA ALA B 168 -11.72 -15.03 -27.75
C ALA B 168 -12.71 -14.12 -27.03
N THR B 169 -13.99 -14.28 -27.32
CA THR B 169 -15.04 -13.52 -26.64
C THR B 169 -15.04 -13.89 -25.15
N VAL B 170 -15.01 -15.19 -24.88
CA VAL B 170 -15.04 -15.68 -23.49
C VAL B 170 -13.85 -15.18 -22.69
N LYS B 171 -12.65 -15.32 -23.25
CA LYS B 171 -11.43 -14.87 -22.58
C LYS B 171 -11.60 -13.38 -22.23
N SER B 172 -12.04 -12.61 -23.22
CA SER B 172 -12.21 -11.19 -23.01
C SER B 172 -13.24 -10.90 -21.95
N LEU B 173 -14.42 -11.50 -22.06
CA LEU B 173 -15.49 -11.21 -21.10
C LEU B 173 -15.20 -11.73 -19.69
N ASN B 174 -14.42 -12.81 -19.57
CA ASN B 174 -13.89 -13.22 -18.28
C ASN B 174 -13.18 -12.08 -17.57
N VAL B 175 -12.34 -11.34 -18.30
CA VAL B 175 -11.74 -10.15 -17.73
C VAL B 175 -12.82 -9.20 -17.23
N LEU B 176 -13.71 -8.76 -18.12
CA LEU B 176 -14.67 -7.75 -17.71
C LEU B 176 -15.51 -8.21 -16.54
N THR B 177 -15.88 -9.49 -16.55
CA THR B 177 -16.74 -10.01 -15.48
C THR B 177 -16.04 -10.30 -14.15
N SER B 178 -14.75 -9.98 -14.06
CA SER B 178 -14.07 -9.90 -12.77
C SER B 178 -14.41 -8.59 -12.07
N ILE B 179 -14.90 -7.63 -12.84
CA ILE B 179 -15.25 -6.35 -12.25
C ILE B 179 -16.74 -6.37 -11.93
N ALA B 180 -17.55 -6.63 -12.95
CA ALA B 180 -19.01 -6.63 -12.79
C ALA B 180 -19.70 -7.58 -13.75
N ILE B 181 -20.90 -8.03 -13.39
CA ILE B 181 -21.62 -8.95 -14.24
C ILE B 181 -22.93 -8.28 -14.61
N PRO B 182 -23.21 -8.18 -15.92
CA PRO B 182 -24.49 -7.62 -16.35
C PRO B 182 -25.59 -8.64 -16.17
N LYS B 183 -26.83 -8.18 -16.05
CA LYS B 183 -27.97 -9.07 -16.07
C LYS B 183 -28.18 -9.57 -17.49
N VAL B 184 -27.93 -8.69 -18.45
CA VAL B 184 -28.20 -9.00 -19.87
C VAL B 184 -27.07 -8.58 -20.80
N ILE B 185 -26.80 -9.44 -21.78
CA ILE B 185 -25.91 -9.09 -22.89
C ILE B 185 -26.72 -9.09 -24.18
N HIS B 186 -26.62 -8.01 -24.94
CA HIS B 186 -27.26 -7.90 -26.23
C HIS B 186 -26.19 -7.92 -27.33
N SER B 187 -26.48 -8.59 -28.44
CA SER B 187 -25.55 -8.72 -29.57
C SER B 187 -26.23 -9.06 -30.88
N ASP B 188 -25.51 -8.89 -31.99
CA ASP B 188 -25.98 -9.36 -33.29
C ASP B 188 -25.85 -10.88 -33.37
N GLN B 189 -26.45 -11.50 -34.38
CA GLN B 189 -26.46 -12.96 -34.43
C GLN B 189 -25.19 -13.54 -35.06
N GLY B 190 -24.07 -12.86 -34.82
CA GLY B 190 -22.76 -13.30 -35.29
C GLY B 190 -22.41 -14.66 -34.72
N ALA B 191 -21.65 -15.44 -35.50
CA ALA B 191 -21.38 -16.83 -35.13
C ALA B 191 -20.88 -16.96 -33.70
N ALA B 192 -20.12 -15.95 -33.25
CA ALA B 192 -19.43 -16.02 -31.98
C ALA B 192 -20.37 -16.02 -30.79
N PHE B 193 -21.50 -15.33 -30.93
CA PHE B 193 -22.42 -15.14 -29.81
C PHE B 193 -23.57 -16.14 -29.83
N THR B 194 -23.84 -16.69 -31.01
CA THR B 194 -24.92 -17.67 -31.18
C THR B 194 -24.51 -19.08 -30.78
N SER B 195 -23.20 -19.38 -30.87
CA SER B 195 -22.67 -20.69 -30.49
C SER B 195 -23.15 -21.17 -29.12
N SER B 196 -23.22 -22.49 -28.97
CA SER B 196 -23.69 -23.11 -27.73
C SER B 196 -22.69 -22.98 -26.58
N THR B 197 -21.42 -22.85 -26.89
CA THR B 197 -20.41 -22.60 -25.88
C THR B 197 -20.64 -21.24 -25.21
N PHE B 198 -20.86 -20.20 -26.01
CA PHE B 198 -21.13 -18.89 -25.44
C PHE B 198 -22.42 -19.01 -24.67
N ALA B 199 -23.40 -19.67 -25.28
CA ALA B 199 -24.68 -19.90 -24.64
C ALA B 199 -24.55 -20.51 -23.24
N GLU B 200 -23.65 -21.49 -23.08
CA GLU B 200 -23.38 -22.14 -21.79
C GLU B 200 -22.60 -21.22 -20.83
N TRP B 201 -21.56 -20.58 -21.35
CA TRP B 201 -20.80 -19.58 -20.60
C TRP B 201 -21.72 -18.61 -19.87
N ALA B 202 -22.75 -18.12 -20.57
CA ALA B 202 -23.63 -17.11 -20.00
C ALA B 202 -24.57 -17.69 -18.97
N LYS B 203 -25.07 -18.89 -19.22
CA LYS B 203 -25.95 -19.56 -18.24
C LYS B 203 -25.24 -19.80 -16.93
N GLU B 204 -23.98 -20.24 -17.00
CA GLU B 204 -23.11 -20.43 -15.84
C GLU B 204 -23.08 -19.20 -14.96
N ARG B 205 -22.85 -18.04 -15.58
CA ARG B 205 -22.70 -16.81 -14.82
C ARG B 205 -24.04 -16.13 -14.51
N GLY B 206 -25.14 -16.77 -14.91
CA GLY B 206 -26.49 -16.23 -14.71
C GLY B 206 -26.76 -14.97 -15.51
N ILE B 207 -26.23 -14.90 -16.73
CA ILE B 207 -26.47 -13.79 -17.63
C ILE B 207 -27.52 -14.21 -18.64
N HIS B 208 -28.60 -13.46 -18.76
CA HIS B 208 -29.53 -13.72 -19.85
C HIS B 208 -28.99 -13.13 -21.16
N LEU B 209 -29.11 -13.89 -22.24
CA LEU B 209 -28.65 -13.42 -23.54
C LEU B 209 -29.79 -12.91 -24.43
N GLU B 210 -29.53 -11.79 -25.10
CA GLU B 210 -30.53 -11.13 -25.93
C GLU B 210 -29.99 -10.90 -27.33
N PHE B 211 -30.82 -11.18 -28.33
CA PHE B 211 -30.38 -11.09 -29.71
C PHE B 211 -31.27 -10.18 -30.54
N SER B 212 -30.63 -9.30 -31.29
CA SER B 212 -31.32 -8.56 -32.34
C SER B 212 -31.71 -9.54 -33.45
N THR B 213 -32.77 -9.25 -34.20
CA THR B 213 -33.10 -10.10 -35.36
C THR B 213 -32.09 -9.84 -36.46
N PRO B 214 -31.88 -10.82 -37.36
CA PRO B 214 -30.89 -10.65 -38.42
C PRO B 214 -31.14 -9.41 -39.29
N TYR B 215 -30.07 -8.61 -39.47
CA TYR B 215 -30.06 -7.46 -40.37
C TYR B 215 -30.85 -6.23 -39.88
N HIS B 216 -31.63 -6.38 -38.80
CA HIS B 216 -32.30 -5.24 -38.19
C HIS B 216 -31.76 -5.03 -36.74
N PRO B 217 -30.57 -4.39 -36.62
CA PRO B 217 -29.85 -4.31 -35.35
C PRO B 217 -30.43 -3.29 -34.35
N GLN B 218 -31.50 -3.68 -33.65
CA GLN B 218 -32.10 -2.83 -32.60
C GLN B 218 -31.25 -2.82 -31.30
N SER B 219 -30.86 -1.61 -30.89
CA SER B 219 -30.14 -1.32 -29.65
C SER B 219 -30.46 0.13 -29.28
N SER B 220 -29.96 0.62 -28.15
CA SER B 220 -30.37 1.93 -27.61
C SER B 220 -29.94 3.14 -28.46
N GLY B 221 -30.77 4.20 -28.46
CA GLY B 221 -30.44 5.44 -29.15
C GLY B 221 -29.06 5.93 -28.73
N LYS B 222 -28.89 6.06 -27.42
CA LYS B 222 -27.60 6.41 -26.80
C LYS B 222 -26.43 5.50 -27.21
N VAL B 223 -26.71 4.20 -27.36
CA VAL B 223 -25.67 3.21 -27.70
C VAL B 223 -25.23 3.32 -29.15
N GLU B 224 -26.21 3.43 -30.06
CA GLU B 224 -25.94 3.59 -31.50
C GLU B 224 -24.94 4.72 -31.71
N ARG B 225 -25.24 5.88 -31.12
CA ARG B 225 -24.35 7.04 -31.15
C ARG B 225 -22.97 6.68 -30.60
N LYS B 226 -22.87 6.25 -29.34
CA LYS B 226 -21.57 5.84 -28.78
C LYS B 226 -20.86 4.83 -29.67
N ASN B 227 -21.64 3.87 -30.20
CA ASN B 227 -21.09 2.84 -31.07
C ASN B 227 -20.57 3.42 -32.39
N SER B 228 -21.18 4.52 -32.83
CA SER B 228 -20.71 5.25 -33.99
C SER B 228 -19.40 5.97 -33.67
N ASP B 229 -19.38 6.69 -32.55
CA ASP B 229 -18.19 7.44 -32.11
C ASP B 229 -16.92 6.60 -32.11
N ILE B 230 -17.03 5.39 -31.55
CA ILE B 230 -15.93 4.44 -31.49
C ILE B 230 -15.35 4.19 -32.88
N LYS B 231 -16.21 3.77 -33.81
CA LYS B 231 -15.82 3.54 -35.21
C LYS B 231 -15.13 4.76 -35.85
N ARG B 232 -15.71 5.97 -35.71
CA ARG B 232 -15.03 7.18 -36.19
C ARG B 232 -13.68 7.35 -35.50
N LEU B 233 -13.70 7.35 -34.16
CA LEU B 233 -12.50 7.59 -33.36
C LEU B 233 -11.40 6.57 -33.62
N LEU B 234 -11.80 5.37 -34.03
CA LEU B 234 -10.84 4.34 -34.40
C LEU B 234 -10.20 4.65 -35.75
N THR B 235 -11.00 4.88 -36.78
CA THR B 235 -10.46 5.21 -38.11
C THR B 235 -9.59 6.46 -38.03
N LYS B 236 -10.06 7.45 -37.27
CA LYS B 236 -9.38 8.72 -37.12
C LYS B 236 -7.93 8.52 -36.71
N LEU B 237 -7.72 7.98 -35.51
CA LEU B 237 -6.37 7.80 -35.00
C LEU B 237 -5.73 6.47 -35.42
N LEU B 238 -6.47 5.67 -36.18
CA LEU B 238 -5.91 4.49 -36.83
C LEU B 238 -4.97 4.94 -37.95
N VAL B 239 -5.50 5.64 -38.96
CA VAL B 239 -4.68 6.19 -40.05
C VAL B 239 -3.49 7.00 -39.51
N GLY B 240 -2.37 6.98 -40.25
CA GLY B 240 -1.13 7.62 -39.80
C GLY B 240 -0.27 6.69 -38.97
N ARG B 241 -0.91 5.80 -38.21
CA ARG B 241 -0.21 4.72 -37.49
C ARG B 241 -1.10 3.46 -37.45
N PRO B 242 -1.43 2.91 -38.64
CA PRO B 242 -2.42 1.83 -38.75
C PRO B 242 -1.96 0.55 -38.07
N THR B 243 -0.68 0.53 -37.72
CA THR B 243 0.00 -0.65 -37.19
C THR B 243 0.16 -0.64 -35.66
N LYS B 244 -0.06 0.52 -35.04
CA LYS B 244 0.19 0.68 -33.60
C LYS B 244 -1.04 1.11 -32.79
N TRP B 245 -2.21 0.58 -33.15
CA TRP B 245 -3.49 0.93 -32.50
C TRP B 245 -3.74 0.18 -31.21
N TYR B 246 -2.91 -0.81 -30.94
CA TYR B 246 -3.07 -1.63 -29.73
C TYR B 246 -2.73 -0.82 -28.49
N ASP B 247 -1.54 -0.21 -28.49
CA ASP B 247 -1.05 0.59 -27.38
C ASP B 247 -1.93 1.82 -27.13
N LEU B 248 -2.71 2.19 -28.14
CA LEU B 248 -3.59 3.34 -28.03
C LEU B 248 -4.94 3.06 -27.38
N LEU B 249 -5.36 1.80 -27.37
CA LEU B 249 -6.66 1.41 -26.83
C LEU B 249 -6.97 1.97 -25.44
N PRO B 250 -6.02 1.96 -24.49
CA PRO B 250 -6.25 2.64 -23.21
C PRO B 250 -6.66 4.11 -23.38
N VAL B 251 -5.89 4.84 -24.17
CA VAL B 251 -6.15 6.28 -24.40
C VAL B 251 -7.51 6.51 -25.01
N VAL B 252 -7.89 5.64 -25.95
CA VAL B 252 -9.17 5.73 -26.60
C VAL B 252 -10.30 5.49 -25.59
N GLN B 253 -10.23 4.35 -24.92
CA GLN B 253 -11.23 3.98 -23.93
C GLN B 253 -11.43 5.15 -22.97
N LEU B 254 -10.32 5.67 -22.43
CA LEU B 254 -10.34 6.80 -21.50
C LEU B 254 -11.05 8.04 -22.07
N ALA B 255 -10.78 8.33 -23.34
CA ALA B 255 -11.34 9.49 -24.01
C ALA B 255 -12.84 9.32 -24.16
N LEU B 256 -13.26 8.19 -24.71
CA LEU B 256 -14.66 7.87 -24.90
C LEU B 256 -15.46 7.99 -23.62
N ASN B 257 -14.97 7.36 -22.56
CA ASN B 257 -15.70 7.28 -21.32
C ASN B 257 -15.75 8.59 -20.54
N ASN B 258 -14.80 9.47 -20.82
CA ASN B 258 -14.79 10.80 -20.21
C ASN B 258 -15.29 11.91 -21.12
N THR B 259 -16.14 11.54 -22.08
CA THR B 259 -16.67 12.51 -23.04
C THR B 259 -18.13 12.81 -22.75
N TYR B 260 -18.41 14.11 -22.57
CA TYR B 260 -19.76 14.62 -22.31
C TYR B 260 -20.81 14.17 -23.35
N SER B 261 -21.83 13.43 -22.89
CA SER B 261 -23.04 13.19 -23.70
C SER B 261 -23.94 14.45 -23.73
N PRO B 262 -24.51 14.78 -24.92
CA PRO B 262 -25.37 15.97 -25.07
C PRO B 262 -26.55 15.93 -24.10
N VAL B 263 -27.12 14.73 -23.90
CA VAL B 263 -28.08 14.50 -22.82
C VAL B 263 -27.29 14.24 -21.54
N LEU B 264 -27.83 14.76 -20.43
CA LEU B 264 -27.30 14.56 -19.07
C LEU B 264 -26.18 15.53 -18.72
N LYS B 265 -25.47 15.99 -19.76
CA LYS B 265 -24.16 16.65 -19.63
C LYS B 265 -23.27 15.90 -18.63
N TYR B 266 -23.27 14.56 -18.78
CA TYR B 266 -22.45 13.66 -17.96
C TYR B 266 -21.60 12.74 -18.80
N THR B 267 -20.35 12.59 -18.40
CA THR B 267 -19.49 11.60 -19.01
C THR B 267 -19.98 10.23 -18.52
N PRO B 268 -19.93 9.20 -19.38
CA PRO B 268 -20.20 7.85 -18.90
C PRO B 268 -19.46 7.57 -17.59
N HIS B 269 -18.23 8.06 -17.48
CA HIS B 269 -17.44 7.92 -16.27
C HIS B 269 -18.21 8.42 -15.07
N GLN B 270 -18.76 9.61 -15.18
CA GLN B 270 -19.51 10.21 -14.08
C GLN B 270 -20.72 9.37 -13.67
N LEU B 271 -21.47 8.88 -14.66
CA LEU B 271 -22.65 8.08 -14.38
C LEU B 271 -22.33 6.76 -13.69
N LEU B 272 -21.17 6.19 -13.99
CA LEU B 272 -20.77 4.93 -13.40
C LEU B 272 -20.26 5.13 -11.99
N PHE B 273 -19.38 6.10 -11.80
CA PHE B 273 -18.72 6.29 -10.52
C PHE B 273 -19.28 7.39 -9.62
N GLY B 274 -20.08 8.29 -10.19
CA GLY B 274 -20.69 9.37 -9.42
C GLY B 274 -19.69 10.36 -8.83
N ILE B 275 -18.59 10.56 -9.55
CA ILE B 275 -17.53 11.49 -9.20
C ILE B 275 -16.82 11.91 -10.49
N ASP B 276 -15.95 12.90 -10.41
CA ASP B 276 -15.19 13.37 -11.58
C ASP B 276 -13.89 12.61 -11.80
N SER B 277 -13.54 12.38 -13.06
CA SER B 277 -12.28 11.75 -13.40
C SER B 277 -11.19 12.79 -13.32
N ASN B 278 -9.95 12.33 -13.23
CA ASN B 278 -8.78 13.20 -13.18
C ASN B 278 -8.15 13.33 -14.57
N THR B 279 -8.92 12.92 -15.58
CA THR B 279 -8.57 13.13 -16.98
C THR B 279 -9.83 13.56 -17.72
N PRO B 280 -10.14 14.87 -17.72
CA PRO B 280 -11.28 15.38 -18.49
C PRO B 280 -10.94 15.63 -19.98
N PHE B 281 -11.97 15.87 -20.79
CA PHE B 281 -11.82 16.22 -22.21
C PHE B 281 -12.77 17.37 -22.56
#